data_9KER
#
_entry.id   9KER
#
_cell.length_a   36.470
_cell.length_b   107.000
_cell.length_c   51.330
_cell.angle_alpha   90.00
_cell.angle_beta   97.64
_cell.angle_gamma   90.00
#
_symmetry.space_group_name_H-M   'P 1 21 1'
#
loop_
_entity.id
_entity.type
_entity.pdbx_description
1 polymer 'Phosphoglycerate kinase 1'
2 water water
#
_entity_poly.entity_id   1
_entity_poly.type   'polypeptide(L)'
_entity_poly.pdbx_seq_one_letter_code
;SLSNKLTLDKLDVKGKRVVMRVDFNVPMKNNQITNNQRIKAAVPSIKFCLDNGAKSVVLMSHLGRPDGVPMPDKYSLEPV
AVELKSLLGKDVLFLKDCVGPEVEKACANPAAGSVILLENLRFHVEEEGKGKDASGNKVKAEPAKIEAFRASLSKLGDVY
VNDAFGTAHRAHSSMVGVNLPQKAGGFLMKKELNYFAKALESPERPFLAILGGAKVADKIQLINNMLDKVNEMIIGGGMA
FTFLKVLNNMEIGTSLFDEEGAKIVKDLMSKAEKNGVKITLPVDFVTADKFDENAKTGQATVASGIPAGWMGLDCGPESS
KKYAEAVTRAKQIVWNGPVGVFEWEAFARGTKALMDEVVKATSRGCITIIGGGDTATCCAKWNTEDKVSHVSTGGGASLE
LLEGKVLPGVDALSNILE
;
_entity_poly.pdbx_strand_id   A
#
# COMPACT_ATOMS: atom_id res chain seq x y z
N SER A 1 12.66 15.64 -1.39
CA SER A 1 12.23 16.00 -0.04
C SER A 1 11.87 14.76 0.79
N LEU A 2 11.29 13.75 0.13
CA LEU A 2 10.90 12.53 0.84
C LEU A 2 12.09 11.81 1.44
N SER A 3 13.32 12.13 1.02
CA SER A 3 14.49 11.42 1.51
C SER A 3 15.11 12.06 2.74
N ASN A 4 14.97 13.37 2.93
CA ASN A 4 15.67 14.08 4.01
C ASN A 4 14.88 14.11 5.31
N LYS A 5 14.09 13.07 5.60
CA LYS A 5 13.42 12.96 6.88
C LYS A 5 14.20 12.01 7.79
N LEU A 6 13.95 12.13 9.10
CA LEU A 6 14.71 11.38 10.09
C LEU A 6 14.29 9.92 10.09
N THR A 7 15.26 9.02 10.06
CA THR A 7 15.03 7.59 10.08
C THR A 7 15.59 6.99 11.37
N LEU A 8 15.20 5.74 11.62
CA LEU A 8 15.59 5.05 12.85
C LEU A 8 17.10 4.90 12.96
N ASP A 9 17.77 4.63 11.82
CA ASP A 9 19.21 4.39 11.85
C ASP A 9 20.00 5.66 12.20
N LYS A 10 19.45 6.84 11.93
CA LYS A 10 20.07 8.09 12.33
C LYS A 10 19.59 8.58 13.69
N LEU A 11 18.78 7.79 14.38
CA LEU A 11 18.26 8.15 15.69
C LEU A 11 19.14 7.55 16.79
N ASP A 12 19.28 8.28 17.88
CA ASP A 12 19.98 7.80 19.07
C ASP A 12 18.95 7.22 20.01
N VAL A 13 19.07 5.93 20.32
CA VAL A 13 18.07 5.22 21.10
C VAL A 13 18.64 4.64 22.39
N LYS A 14 19.94 4.79 22.64
CA LYS A 14 20.57 4.18 23.81
C LYS A 14 20.04 4.81 25.09
N GLY A 15 19.32 4.02 25.89
CA GLY A 15 18.80 4.48 27.15
C GLY A 15 17.42 5.13 27.09
N LYS A 16 16.90 5.39 25.90
CA LYS A 16 15.60 6.03 25.78
C LYS A 16 14.49 5.00 25.64
N ARG A 17 13.26 5.45 25.85
CA ARG A 17 12.09 4.64 25.56
C ARG A 17 11.61 4.93 24.16
N VAL A 18 11.48 3.88 23.36
CA VAL A 18 11.05 3.97 21.97
C VAL A 18 9.59 3.57 21.91
N VAL A 19 8.74 4.48 21.43
CA VAL A 19 7.34 4.15 21.15
C VAL A 19 7.18 4.12 19.63
N MET A 20 6.69 3.00 19.11
CA MET A 20 6.82 2.71 17.70
C MET A 20 5.50 2.21 17.13
N ARG A 21 5.04 2.88 16.08
CA ARG A 21 3.85 2.45 15.34
C ARG A 21 4.25 1.39 14.33
N VAL A 22 3.71 0.18 14.48
CA VAL A 22 4.04 -0.91 13.57
C VAL A 22 2.80 -1.29 12.76
N ASP A 23 2.99 -2.17 11.80
CA ASP A 23 1.90 -2.66 10.96
C ASP A 23 1.72 -4.15 11.26
N PHE A 24 0.77 -4.44 12.17
CA PHE A 24 0.40 -5.80 12.51
C PHE A 24 -1.02 -6.13 12.05
N ASN A 25 -1.54 -5.38 11.08
CA ASN A 25 -2.87 -5.65 10.53
C ASN A 25 -2.86 -6.94 9.73
N VAL A 26 -2.76 -8.07 10.43
CA VAL A 26 -2.71 -9.39 9.79
C VAL A 26 -4.14 -9.94 9.74
N PRO A 27 -4.75 -10.02 8.55
CA PRO A 27 -6.18 -10.37 8.49
C PRO A 27 -6.45 -11.87 8.41
N MET A 28 -6.53 -12.56 9.55
CA MET A 28 -6.79 -13.99 9.57
C MET A 28 -7.77 -14.34 10.69
N LYS A 29 -8.28 -15.56 10.63
CA LYS A 29 -9.42 -16.00 11.41
C LYS A 29 -8.99 -17.02 12.47
N ASN A 30 -9.92 -17.29 13.39
CA ASN A 30 -9.79 -18.21 14.52
C ASN A 30 -8.82 -17.70 15.58
N ASN A 31 -8.32 -16.47 15.44
CA ASN A 31 -7.28 -15.91 16.30
C ASN A 31 -6.00 -16.74 16.24
N GLN A 32 -5.79 -17.43 15.14
CA GLN A 32 -4.55 -18.12 14.86
C GLN A 32 -3.91 -17.51 13.63
N ILE A 33 -2.60 -17.34 13.67
CA ILE A 33 -1.87 -16.59 12.65
C ILE A 33 -1.56 -17.52 11.48
N THR A 34 -2.06 -17.19 10.30
CA THR A 34 -1.76 -17.97 9.10
C THR A 34 -0.68 -17.34 8.23
N ASN A 35 -0.62 -16.00 8.18
CA ASN A 35 0.41 -15.30 7.40
C ASN A 35 0.92 -14.12 8.21
N ASN A 36 2.02 -14.34 8.94
CA ASN A 36 2.66 -13.30 9.74
C ASN A 36 3.79 -12.58 8.97
N GLN A 37 3.54 -12.27 7.70
CA GLN A 37 4.54 -11.55 6.90
C GLN A 37 4.86 -10.20 7.51
N ARG A 38 3.83 -9.44 7.90
CA ARG A 38 4.01 -8.09 8.42
C ARG A 38 4.79 -8.11 9.74
N ILE A 39 4.48 -9.07 10.62
CA ILE A 39 5.20 -9.18 11.88
C ILE A 39 6.69 -9.43 11.63
N LYS A 40 7.00 -10.39 10.75
CA LYS A 40 8.39 -10.63 10.36
C LYS A 40 9.02 -9.40 9.75
N ALA A 41 8.23 -8.58 9.05
CA ALA A 41 8.77 -7.38 8.42
C ALA A 41 9.14 -6.34 9.46
N ALA A 42 8.36 -6.23 10.52
CA ALA A 42 8.61 -5.20 11.54
C ALA A 42 9.72 -5.57 12.52
N VAL A 43 10.31 -6.76 12.40
CA VAL A 43 11.29 -7.27 13.36
C VAL A 43 12.61 -6.49 13.33
N PRO A 44 13.23 -6.23 12.15
CA PRO A 44 14.54 -5.56 12.16
C PRO A 44 14.57 -4.23 12.90
N SER A 45 13.48 -3.46 12.88
CA SER A 45 13.46 -2.19 13.61
C SER A 45 13.51 -2.42 15.12
N ILE A 46 12.69 -3.36 15.61
CA ILE A 46 12.67 -3.69 17.03
C ILE A 46 14.05 -4.19 17.46
N LYS A 47 14.68 -5.01 16.62
CA LYS A 47 15.99 -5.56 16.94
C LYS A 47 17.06 -4.47 16.93
N PHE A 48 16.96 -3.49 16.02
CA PHE A 48 17.87 -2.36 16.05
C PHE A 48 17.73 -1.59 17.36
N CYS A 49 16.49 -1.30 17.76
CA CYS A 49 16.29 -0.56 19.00
C CYS A 49 16.82 -1.32 20.21
N LEU A 50 16.61 -2.64 20.24
CA LEU A 50 17.09 -3.43 21.37
C LEU A 50 18.62 -3.52 21.37
N ASP A 51 19.23 -3.72 20.20
CA ASP A 51 20.68 -3.90 20.11
C ASP A 51 21.46 -2.59 20.15
N ASN A 52 20.78 -1.45 20.27
CA ASN A 52 21.44 -0.17 20.49
C ASN A 52 21.22 0.35 21.90
N GLY A 53 20.76 -0.50 22.81
CA GLY A 53 20.65 -0.14 24.20
C GLY A 53 19.42 0.67 24.57
N ALA A 54 18.30 0.46 23.89
CA ALA A 54 17.08 1.18 24.26
C ALA A 54 16.48 0.58 25.53
N LYS A 55 15.88 1.46 26.35
CA LYS A 55 15.28 1.00 27.59
C LYS A 55 14.07 0.11 27.33
N SER A 56 13.23 0.48 26.35
CA SER A 56 12.02 -0.27 26.07
C SER A 56 11.52 0.07 24.68
N VAL A 57 10.81 -0.89 24.09
CA VAL A 57 10.15 -0.71 22.80
C VAL A 57 8.66 -0.96 23.01
N VAL A 58 7.85 0.08 22.80
CA VAL A 58 6.40 0.01 22.94
C VAL A 58 5.80 0.03 21.53
N LEU A 59 4.92 -0.94 21.25
CA LEU A 59 4.38 -1.15 19.91
C LEU A 59 2.88 -0.90 19.93
N MET A 60 2.42 0.04 19.11
CA MET A 60 1.00 0.29 18.90
C MET A 60 0.63 -0.12 17.48
N SER A 61 -0.56 -0.69 17.32
CA SER A 61 -0.96 -1.23 16.03
C SER A 61 -2.49 -1.33 15.99
N HIS A 62 -3.00 -1.85 14.88
CA HIS A 62 -4.44 -2.00 14.66
C HIS A 62 -4.71 -3.31 13.92
N LEU A 63 -5.99 -3.68 13.88
CA LEU A 63 -6.43 -4.91 13.23
C LEU A 63 -7.96 -4.98 13.16
N GLY A 64 -8.53 -4.89 11.97
CA GLY A 64 -9.97 -4.94 11.78
C GLY A 64 -10.57 -3.59 11.43
N ARG A 65 -11.91 -3.55 11.39
CA ARG A 65 -12.67 -2.31 11.20
C ARG A 65 -13.65 -2.14 12.36
N PRO A 66 -13.17 -1.78 13.55
CA PRO A 66 -14.11 -1.71 14.67
C PRO A 66 -14.74 -0.34 14.82
N ASP A 67 -14.11 0.70 14.26
CA ASP A 67 -14.72 2.03 14.19
C ASP A 67 -14.92 2.58 15.61
N GLY A 68 -13.93 2.32 16.46
CA GLY A 68 -13.89 2.91 17.79
C GLY A 68 -14.82 2.33 18.82
N VAL A 69 -15.08 1.02 18.80
CA VAL A 69 -15.84 0.34 19.83
C VAL A 69 -15.08 -0.90 20.26
N PRO A 70 -14.78 -1.09 21.56
CA PRO A 70 -13.92 -2.20 21.99
C PRO A 70 -14.47 -3.57 21.60
N MET A 71 -13.75 -4.27 20.72
CA MET A 71 -14.12 -5.59 20.25
C MET A 71 -12.99 -6.59 20.55
N PRO A 72 -12.75 -6.88 21.83
CA PRO A 72 -11.63 -7.78 22.16
C PRO A 72 -11.91 -9.23 21.83
N ASP A 73 -13.18 -9.60 21.60
CA ASP A 73 -13.50 -11.00 21.31
C ASP A 73 -13.05 -11.38 19.91
N LYS A 74 -13.17 -10.45 18.95
CA LYS A 74 -13.03 -10.75 17.53
C LYS A 74 -11.79 -10.13 16.90
N TYR A 75 -11.37 -8.95 17.33
CA TYR A 75 -10.22 -8.24 16.75
C TYR A 75 -9.23 -7.85 17.86
N SER A 76 -8.50 -8.82 18.38
CA SER A 76 -7.55 -8.57 19.45
C SER A 76 -6.14 -8.94 19.00
N LEU A 77 -5.18 -8.08 19.35
CA LEU A 77 -3.78 -8.24 18.99
C LEU A 77 -3.07 -9.33 19.79
N GLU A 78 -3.75 -9.97 20.74
CA GLU A 78 -3.14 -10.91 21.67
C GLU A 78 -2.33 -12.00 20.96
N PRO A 79 -2.92 -12.79 20.04
CA PRO A 79 -2.11 -13.82 19.37
C PRO A 79 -0.87 -13.27 18.70
N VAL A 80 -0.91 -12.03 18.21
CA VAL A 80 0.27 -11.44 17.59
C VAL A 80 1.43 -11.40 18.58
N ALA A 81 1.16 -10.96 19.81
CA ALA A 81 2.20 -10.92 20.83
C ALA A 81 2.81 -12.30 21.06
N VAL A 82 2.03 -13.36 20.86
CA VAL A 82 2.60 -14.70 20.93
C VAL A 82 3.51 -14.95 19.73
N GLU A 83 2.99 -14.71 18.53
CA GLU A 83 3.78 -14.87 17.31
C GLU A 83 5.10 -14.10 17.43
N LEU A 84 4.99 -12.80 17.70
CA LEU A 84 6.17 -11.95 17.90
C LEU A 84 7.16 -12.60 18.87
N LYS A 85 6.66 -13.14 19.98
CA LYS A 85 7.54 -13.74 20.98
C LYS A 85 8.44 -14.80 20.37
N SER A 86 7.91 -15.61 19.45
CA SER A 86 8.73 -16.60 18.78
C SER A 86 9.70 -15.93 17.82
N LEU A 87 9.23 -14.98 17.00
CA LEU A 87 10.10 -14.40 15.99
C LEU A 87 11.21 -13.57 16.61
N LEU A 88 10.94 -12.89 17.73
CA LEU A 88 11.97 -12.12 18.42
C LEU A 88 12.89 -13.01 19.24
N GLY A 89 12.36 -14.12 19.77
CA GLY A 89 13.09 -14.89 20.75
C GLY A 89 13.19 -14.19 22.09
N LYS A 90 12.15 -13.44 22.46
CA LYS A 90 12.18 -12.58 23.63
C LYS A 90 10.78 -12.41 24.18
N ASP A 91 10.65 -12.36 25.50
CA ASP A 91 9.35 -12.11 26.12
C ASP A 91 8.79 -10.78 25.66
N VAL A 92 7.48 -10.74 25.47
CA VAL A 92 6.77 -9.53 25.05
C VAL A 92 5.53 -9.38 25.92
N LEU A 93 5.48 -8.30 26.70
CA LEU A 93 4.35 -8.04 27.57
C LEU A 93 3.16 -7.55 26.76
N PHE A 94 2.05 -8.27 26.83
CA PHE A 94 0.81 -7.85 26.19
C PHE A 94 -0.07 -7.15 27.23
N LEU A 95 -0.45 -5.91 26.93
CA LEU A 95 -1.34 -5.13 27.77
C LEU A 95 -2.74 -5.12 27.17
N LYS A 96 -3.75 -5.05 28.05
CA LYS A 96 -5.13 -5.09 27.61
C LYS A 96 -5.64 -3.75 27.08
N ASP A 97 -4.80 -2.72 27.08
CA ASP A 97 -5.18 -1.42 26.55
C ASP A 97 -3.94 -0.71 26.01
N CYS A 98 -4.15 0.46 25.40
CA CYS A 98 -3.08 1.25 24.82
C CYS A 98 -3.02 2.67 25.36
N VAL A 99 -3.94 3.08 26.23
CA VAL A 99 -3.97 4.41 26.83
C VAL A 99 -4.45 4.27 28.26
N GLY A 100 -4.44 5.40 28.98
CA GLY A 100 -4.94 5.43 30.34
C GLY A 100 -3.82 5.41 31.37
N PRO A 101 -4.18 5.55 32.65
CA PRO A 101 -3.14 5.59 33.69
C PRO A 101 -2.46 4.25 33.91
N GLU A 102 -3.13 3.13 33.66
CA GLU A 102 -2.51 1.82 33.87
C GLU A 102 -1.43 1.57 32.84
N VAL A 103 -1.73 1.78 31.56
CA VAL A 103 -0.71 1.62 30.52
C VAL A 103 0.41 2.64 30.72
N GLU A 104 0.09 3.85 31.16
CA GLU A 104 1.11 4.87 31.37
C GLU A 104 2.05 4.48 32.50
N LYS A 105 1.51 3.89 33.58
CA LYS A 105 2.36 3.37 34.65
C LYS A 105 3.17 2.16 34.18
N ALA A 106 2.62 1.36 33.27
CA ALA A 106 3.34 0.19 32.79
C ALA A 106 4.56 0.57 31.96
N CYS A 107 4.46 1.67 31.21
CA CYS A 107 5.52 2.09 30.29
C CYS A 107 6.36 3.24 30.83
N ALA A 108 6.11 3.68 32.08
CA ALA A 108 6.80 4.86 32.59
C ALA A 108 8.30 4.63 32.72
N ASN A 109 8.68 3.51 33.30
CA ASN A 109 10.08 3.13 33.45
C ASN A 109 10.19 1.62 33.56
N PRO A 110 10.15 0.88 32.46
CA PRO A 110 10.22 -0.58 32.53
C PRO A 110 11.65 -1.04 32.71
N ALA A 111 11.81 -2.36 32.84
CA ALA A 111 13.13 -2.93 32.93
C ALA A 111 13.89 -2.71 31.61
N ALA A 112 15.21 -2.77 31.71
CA ALA A 112 16.06 -2.52 30.54
C ALA A 112 15.80 -3.54 29.44
N GLY A 113 15.49 -3.04 28.24
CA GLY A 113 15.30 -3.91 27.09
C GLY A 113 13.94 -4.54 26.96
N SER A 114 12.94 -4.05 27.68
CA SER A 114 11.61 -4.63 27.64
C SER A 114 10.91 -4.34 26.32
N VAL A 115 10.12 -5.32 25.87
CA VAL A 115 9.31 -5.19 24.66
C VAL A 115 7.86 -5.33 25.06
N ILE A 116 7.05 -4.31 24.76
CA ILE A 116 5.65 -4.26 25.17
C ILE A 116 4.78 -4.02 23.95
N LEU A 117 3.66 -4.73 23.87
CA LEU A 117 2.69 -4.57 22.79
C LEU A 117 1.36 -4.14 23.39
N LEU A 118 0.78 -3.07 22.85
CA LEU A 118 -0.48 -2.54 23.33
C LEU A 118 -1.65 -3.18 22.60
N GLU A 119 -2.81 -3.09 23.23
CA GLU A 119 -4.03 -3.57 22.59
C GLU A 119 -4.38 -2.66 21.41
N ASN A 120 -5.15 -3.22 20.47
CA ASN A 120 -5.56 -2.57 19.24
C ASN A 120 -5.92 -1.10 19.45
N LEU A 121 -5.31 -0.23 18.64
CA LEU A 121 -5.55 1.21 18.76
C LEU A 121 -6.96 1.58 18.32
N ARG A 122 -7.53 0.84 17.39
CA ARG A 122 -8.84 1.18 16.86
C ARG A 122 -9.98 0.70 17.77
N PHE A 123 -9.66 0.32 19.02
CA PHE A 123 -10.72 0.16 20.02
C PHE A 123 -11.32 1.51 20.41
N HIS A 124 -10.62 2.60 20.08
CA HIS A 124 -11.01 3.97 20.43
C HIS A 124 -11.40 4.75 19.19
N VAL A 125 -12.48 5.51 19.29
CA VAL A 125 -12.89 6.39 18.21
C VAL A 125 -11.86 7.50 17.98
N GLU A 126 -11.04 7.81 18.99
CA GLU A 126 -10.11 8.93 18.88
C GLU A 126 -8.93 8.64 17.97
N GLU A 127 -8.67 7.37 17.65
CA GLU A 127 -7.59 7.05 16.71
C GLU A 127 -7.91 7.56 15.31
N GLU A 128 -9.03 7.11 14.75
CA GLU A 128 -9.41 7.52 13.40
C GLU A 128 -10.17 8.85 13.39
N GLY A 129 -10.64 9.30 14.55
CA GLY A 129 -11.41 10.52 14.62
C GLY A 129 -12.88 10.36 14.31
N LYS A 130 -13.34 9.16 14.02
CA LYS A 130 -14.74 8.87 13.69
C LYS A 130 -14.91 7.36 13.63
N GLY A 131 -16.10 6.89 14.02
CA GLY A 131 -16.36 5.48 13.98
C GLY A 131 -17.83 5.10 13.99
N LYS A 132 -18.14 3.99 14.65
CA LYS A 132 -19.50 3.49 14.73
C LYS A 132 -19.90 3.26 16.18
N SER A 135 -23.46 -2.41 18.75
CA SER A 135 -24.51 -2.22 17.76
C SER A 135 -24.67 -0.75 17.39
N GLY A 136 -23.75 0.08 17.89
CA GLY A 136 -23.83 1.51 17.64
C GLY A 136 -23.51 1.84 16.19
N ASN A 137 -24.41 2.56 15.54
CA ASN A 137 -24.20 2.97 14.16
C ASN A 137 -23.15 4.09 14.13
N LYS A 138 -22.96 4.70 12.95
CA LYS A 138 -21.94 5.75 12.76
C LYS A 138 -22.01 6.78 13.87
N VAL A 139 -20.84 7.06 14.47
CA VAL A 139 -20.74 8.02 15.56
C VAL A 139 -19.34 8.62 15.53
N LYS A 140 -19.18 9.77 16.19
CA LYS A 140 -18.00 10.60 16.04
C LYS A 140 -17.14 10.59 17.30
N ALA A 141 -16.12 11.46 17.30
CA ALA A 141 -15.19 11.65 18.41
C ALA A 141 -15.32 13.07 18.95
N GLU A 142 -14.55 13.38 19.99
CA GLU A 142 -14.65 14.66 20.67
C GLU A 142 -13.27 15.28 20.77
N PRO A 143 -13.09 16.54 20.32
CA PRO A 143 -11.73 17.11 20.25
C PRO A 143 -10.92 16.98 21.53
N ALA A 144 -11.53 17.27 22.69
CA ALA A 144 -10.81 17.12 23.96
C ALA A 144 -10.40 15.67 24.18
N LYS A 145 -11.27 14.73 23.79
CA LYS A 145 -10.95 13.31 23.98
C LYS A 145 -9.85 12.87 23.01
N ILE A 146 -9.87 13.38 21.78
CA ILE A 146 -8.77 13.11 20.86
C ILE A 146 -7.45 13.63 21.44
N GLU A 147 -7.48 14.84 22.01
CA GLU A 147 -6.27 15.41 22.59
C GLU A 147 -5.78 14.56 23.76
N ALA A 148 -6.71 14.08 24.60
CA ALA A 148 -6.32 13.24 25.73
C ALA A 148 -5.72 11.91 25.27
N PHE A 149 -6.34 11.28 24.26
CA PHE A 149 -5.79 10.06 23.68
C PHE A 149 -4.38 10.28 23.15
N ARG A 150 -4.17 11.42 22.47
CA ARG A 150 -2.86 11.69 21.88
C ARG A 150 -1.82 11.99 22.94
N ALA A 151 -2.19 12.71 24.00
CA ALA A 151 -1.25 12.95 25.09
C ALA A 151 -0.92 11.65 25.81
N SER A 152 -1.90 10.76 25.95
CA SER A 152 -1.66 9.46 26.58
C SER A 152 -0.67 8.64 25.77
N LEU A 153 -0.83 8.59 24.45
CA LEU A 153 0.20 7.91 23.66
C LEU A 153 1.55 8.61 23.74
N SER A 154 1.54 9.94 23.78
CA SER A 154 2.79 10.69 23.82
C SER A 154 3.57 10.41 25.10
N LYS A 155 2.87 10.11 26.19
CA LYS A 155 3.53 9.83 27.47
C LYS A 155 4.30 8.51 27.47
N LEU A 156 4.09 7.63 26.50
CA LEU A 156 4.59 6.26 26.60
C LEU A 156 6.06 6.11 26.24
N GLY A 157 6.73 7.16 25.78
CA GLY A 157 8.11 6.97 25.35
C GLY A 157 8.83 8.29 25.20
N ASP A 158 10.15 8.19 25.05
CA ASP A 158 10.98 9.38 24.86
C ASP A 158 11.16 9.73 23.39
N VAL A 159 11.21 8.74 22.49
CA VAL A 159 11.24 9.03 21.07
C VAL A 159 10.18 8.19 20.36
N TYR A 160 9.83 8.62 19.16
CA TYR A 160 8.77 8.01 18.36
C TYR A 160 9.34 7.49 17.05
N VAL A 161 8.88 6.30 16.66
CA VAL A 161 9.25 5.69 15.40
C VAL A 161 7.97 5.30 14.67
N ASN A 162 7.87 5.66 13.39
CA ASN A 162 6.74 5.28 12.56
C ASN A 162 7.23 4.31 11.50
N ASP A 163 6.76 3.06 11.57
CA ASP A 163 7.06 2.04 10.60
C ASP A 163 5.78 1.48 9.98
N ALA A 164 4.73 2.30 9.94
CA ALA A 164 3.42 1.92 9.44
C ALA A 164 3.12 2.77 8.21
N PHE A 165 3.74 2.40 7.08
CA PHE A 165 3.60 3.18 5.86
C PHE A 165 2.17 3.11 5.32
N GLY A 166 1.52 1.94 5.43
CA GLY A 166 0.17 1.76 4.91
C GLY A 166 -0.89 2.60 5.59
N THR A 167 -0.60 3.19 6.76
CA THR A 167 -1.51 4.10 7.43
C THR A 167 -1.04 5.54 7.34
N ALA A 168 0.09 5.79 6.67
CA ALA A 168 0.71 7.12 6.67
C ALA A 168 -0.07 8.15 5.85
N HIS A 169 -1.08 7.73 5.10
CA HIS A 169 -1.92 8.67 4.37
C HIS A 169 -3.15 9.10 5.17
N ARG A 170 -3.32 8.60 6.40
CA ARG A 170 -4.47 8.93 7.23
C ARG A 170 -4.01 9.79 8.40
N ALA A 171 -4.61 10.97 8.54
CA ALA A 171 -4.33 11.82 9.69
C ALA A 171 -4.93 11.21 10.95
N HIS A 172 -4.38 10.08 11.39
CA HIS A 172 -4.83 9.41 12.60
C HIS A 172 -3.93 9.80 13.77
N SER A 173 -4.47 9.61 14.98
CA SER A 173 -3.77 10.03 16.19
C SER A 173 -2.41 9.36 16.30
N SER A 174 -2.35 8.05 16.05
CA SER A 174 -1.08 7.35 16.09
C SER A 174 -0.15 7.76 14.96
N MET A 175 -0.67 8.42 13.93
CA MET A 175 0.12 8.83 12.79
C MET A 175 0.72 10.22 12.96
N VAL A 176 -0.05 11.15 13.54
CA VAL A 176 0.34 12.55 13.64
C VAL A 176 0.18 13.12 15.04
N GLY A 177 -0.23 12.32 16.01
CA GLY A 177 -0.55 12.85 17.33
C GLY A 177 0.39 12.43 18.44
N VAL A 178 1.55 11.88 18.08
CA VAL A 178 2.60 11.62 19.06
C VAL A 178 3.51 12.84 19.03
N ASN A 179 3.52 13.60 20.12
CA ASN A 179 4.28 14.84 20.23
C ASN A 179 5.52 14.56 21.07
N LEU A 180 6.60 14.18 20.38
CA LEU A 180 7.90 13.90 20.96
C LEU A 180 8.98 14.60 20.15
N PRO A 181 10.09 14.98 20.79
CA PRO A 181 11.09 15.81 20.09
C PRO A 181 11.64 15.20 18.82
N GLN A 182 11.78 13.88 18.76
CA GLN A 182 12.28 13.19 17.57
C GLN A 182 11.26 12.15 17.11
N LYS A 183 10.80 12.28 15.87
CA LYS A 183 9.90 11.31 15.26
C LYS A 183 10.57 10.75 14.03
N ALA A 184 11.03 9.50 14.11
CA ALA A 184 11.79 8.89 13.04
C ALA A 184 10.93 7.91 12.26
N GLY A 185 11.41 7.57 11.05
CA GLY A 185 10.80 6.54 10.24
C GLY A 185 11.55 5.24 10.40
N GLY A 186 10.80 4.16 10.58
CA GLY A 186 11.39 2.84 10.65
C GLY A 186 12.00 2.43 9.31
N PHE A 187 12.51 1.20 9.29
CA PHE A 187 13.23 0.74 8.11
C PHE A 187 12.30 0.48 6.94
N LEU A 188 11.07 0.02 7.20
CA LEU A 188 10.06 -0.05 6.16
C LEU A 188 9.74 1.33 5.60
N MET A 189 9.50 2.29 6.51
CA MET A 189 9.30 3.68 6.11
C MET A 189 10.46 4.18 5.25
N LYS A 190 11.69 3.95 5.71
CA LYS A 190 12.87 4.42 4.97
C LYS A 190 12.88 3.84 3.57
N LYS A 191 12.61 2.53 3.45
CA LYS A 191 12.57 1.89 2.15
C LYS A 191 11.55 2.55 1.23
N GLU A 192 10.31 2.68 1.72
CA GLU A 192 9.23 3.28 0.92
C GLU A 192 9.61 4.69 0.45
N LEU A 193 10.05 5.54 1.38
CA LEU A 193 10.37 6.91 1.03
C LEU A 193 11.53 6.96 0.03
N ASN A 194 12.54 6.12 0.19
CA ASN A 194 13.65 6.11 -0.74
C ASN A 194 13.17 5.79 -2.16
N TYR A 195 12.50 4.65 -2.32
CA TYR A 195 12.12 4.23 -3.67
C TYR A 195 11.13 5.20 -4.31
N PHE A 196 10.17 5.72 -3.53
CA PHE A 196 9.18 6.58 -4.15
C PHE A 196 9.69 8.00 -4.36
N ALA A 197 10.62 8.48 -3.52
CA ALA A 197 11.28 9.75 -3.81
C ALA A 197 12.12 9.64 -5.07
N LYS A 198 12.77 8.50 -5.27
CA LYS A 198 13.50 8.29 -6.52
C LYS A 198 12.56 8.26 -7.71
N ALA A 199 11.39 7.63 -7.55
CA ALA A 199 10.44 7.55 -8.66
C ALA A 199 9.86 8.91 -9.01
N LEU A 200 9.52 9.71 -7.99
CA LEU A 200 8.81 10.98 -8.20
C LEU A 200 9.73 12.17 -8.40
N GLU A 201 11.03 12.05 -8.07
CA GLU A 201 11.93 13.19 -8.08
C GLU A 201 13.00 13.10 -9.16
N SER A 202 13.73 11.99 -9.25
CA SER A 202 14.80 11.84 -10.22
C SER A 202 14.88 10.38 -10.67
N PRO A 203 13.94 9.95 -11.51
CA PRO A 203 13.92 8.55 -11.93
C PRO A 203 14.88 8.27 -13.06
N GLU A 204 15.39 7.04 -13.08
CA GLU A 204 16.10 6.54 -14.25
C GLU A 204 15.19 6.60 -15.46
N ARG A 205 15.79 6.80 -16.63
CA ARG A 205 14.95 6.94 -17.80
C ARG A 205 15.43 6.03 -18.92
N PRO A 206 14.50 5.50 -19.73
CA PRO A 206 13.05 5.78 -19.78
C PRO A 206 12.26 5.30 -18.56
N PHE A 207 11.30 6.13 -18.14
CA PHE A 207 10.44 5.84 -17.00
C PHE A 207 9.09 5.36 -17.52
N LEU A 208 8.69 4.17 -17.09
CA LEU A 208 7.42 3.56 -17.48
C LEU A 208 6.50 3.47 -16.28
N ALA A 209 5.23 3.84 -16.48
CA ALA A 209 4.17 3.62 -15.49
C ALA A 209 3.15 2.65 -16.09
N ILE A 210 2.84 1.59 -15.34
CA ILE A 210 1.83 0.62 -15.73
C ILE A 210 0.65 0.79 -14.79
N LEU A 211 -0.49 1.26 -15.32
CA LEU A 211 -1.68 1.54 -14.52
C LEU A 211 -2.83 0.67 -15.00
N GLY A 212 -3.37 -0.15 -14.09
CA GLY A 212 -4.54 -0.94 -14.36
C GLY A 212 -5.59 -0.70 -13.29
N GLY A 213 -6.83 -1.02 -13.62
CA GLY A 213 -7.92 -0.83 -12.69
C GLY A 213 -9.26 -1.02 -13.36
N ALA A 214 -10.30 -0.93 -12.54
CA ALA A 214 -11.65 -1.18 -13.02
C ALA A 214 -12.37 0.08 -13.48
N LYS A 215 -11.99 1.25 -12.96
CA LYS A 215 -12.68 2.49 -13.25
C LYS A 215 -11.67 3.58 -13.62
N VAL A 216 -12.10 4.47 -14.52
CA VAL A 216 -11.25 5.57 -14.95
C VAL A 216 -11.44 6.79 -14.06
N ALA A 217 -12.64 6.99 -13.51
CA ALA A 217 -12.97 8.24 -12.83
C ALA A 217 -12.15 8.44 -11.56
N ASP A 218 -11.89 7.37 -10.81
CA ASP A 218 -11.17 7.51 -9.56
C ASP A 218 -9.67 7.66 -9.75
N LYS A 219 -9.16 7.38 -10.95
CA LYS A 219 -7.72 7.39 -11.21
C LYS A 219 -7.25 8.63 -11.95
N ILE A 220 -8.15 9.54 -12.31
CA ILE A 220 -7.82 10.71 -13.13
C ILE A 220 -6.56 11.40 -12.63
N GLN A 221 -6.62 11.93 -11.41
CA GLN A 221 -5.47 12.63 -10.84
C GLN A 221 -4.22 11.77 -10.90
N LEU A 222 -4.34 10.49 -10.53
CA LEU A 222 -3.24 9.54 -10.67
C LEU A 222 -2.62 9.69 -12.05
N ILE A 223 -3.41 9.34 -13.09
CA ILE A 223 -2.91 9.43 -14.45
C ILE A 223 -2.33 10.82 -14.70
N ASN A 224 -3.09 11.85 -14.30
CA ASN A 224 -2.66 13.22 -14.52
C ASN A 224 -1.27 13.44 -13.97
N ASN A 225 -1.06 13.10 -12.70
CA ASN A 225 0.24 13.32 -12.09
C ASN A 225 1.29 12.45 -12.74
N MET A 226 0.91 11.21 -13.07
CA MET A 226 1.84 10.31 -13.73
C MET A 226 2.26 10.85 -15.09
N LEU A 227 1.43 11.71 -15.71
CA LEU A 227 1.79 12.27 -17.00
C LEU A 227 2.77 13.43 -16.89
N ASP A 228 3.02 13.94 -15.68
CA ASP A 228 4.08 14.92 -15.48
C ASP A 228 5.43 14.28 -15.24
N LYS A 229 5.47 12.98 -14.91
CA LYS A 229 6.68 12.30 -14.47
C LYS A 229 7.31 11.42 -15.56
N VAL A 230 6.51 10.59 -16.22
CA VAL A 230 7.00 9.40 -16.91
C VAL A 230 7.33 9.68 -18.38
N ASN A 231 7.96 8.70 -19.02
CA ASN A 231 8.17 8.69 -20.46
C ASN A 231 7.19 7.79 -21.20
N GLU A 232 6.67 6.76 -20.54
CA GLU A 232 5.71 5.85 -21.16
C GLU A 232 4.64 5.45 -20.16
N MET A 233 3.44 5.18 -20.67
CA MET A 233 2.34 4.72 -19.85
C MET A 233 1.64 3.54 -20.52
N ILE A 234 1.44 2.47 -19.76
CA ILE A 234 0.61 1.34 -20.15
C ILE A 234 -0.72 1.48 -19.43
N ILE A 235 -1.81 1.45 -20.18
CA ILE A 235 -3.15 1.60 -19.61
C ILE A 235 -3.88 0.28 -19.81
N GLY A 236 -4.01 -0.50 -18.74
CA GLY A 236 -4.63 -1.81 -18.81
C GLY A 236 -5.78 -2.02 -17.85
N GLY A 237 -6.25 -3.26 -17.73
CA GLY A 237 -7.41 -3.54 -16.90
C GLY A 237 -8.70 -3.03 -17.50
N GLY A 238 -9.77 -3.17 -16.72
CA GLY A 238 -11.10 -2.73 -17.12
C GLY A 238 -11.18 -1.30 -17.61
N MET A 239 -10.23 -0.46 -17.17
CA MET A 239 -10.12 0.91 -17.65
C MET A 239 -10.15 0.96 -19.18
N ALA A 240 -9.33 0.11 -19.83
CA ALA A 240 -8.97 0.32 -21.23
C ALA A 240 -10.18 0.37 -22.13
N PHE A 241 -11.23 -0.39 -21.83
CA PHE A 241 -12.41 -0.40 -22.69
C PHE A 241 -13.03 0.98 -22.78
N THR A 242 -13.15 1.68 -21.64
CA THR A 242 -13.62 3.06 -21.67
C THR A 242 -12.79 3.90 -22.63
N PHE A 243 -11.47 3.66 -22.66
CA PHE A 243 -10.63 4.33 -23.65
C PHE A 243 -10.98 3.87 -25.06
N LEU A 244 -11.04 2.55 -25.27
CA LEU A 244 -11.17 2.02 -26.62
C LEU A 244 -12.54 2.30 -27.22
N LYS A 245 -13.58 2.29 -26.39
CA LYS A 245 -14.90 2.68 -26.88
C LYS A 245 -14.93 4.13 -27.31
N VAL A 246 -14.09 4.97 -26.71
CA VAL A 246 -14.09 6.40 -27.00
C VAL A 246 -13.09 6.77 -28.09
N LEU A 247 -11.87 6.22 -28.03
CA LEU A 247 -10.85 6.56 -29.03
C LEU A 247 -11.07 5.84 -30.36
N ASN A 248 -11.45 4.56 -30.32
CA ASN A 248 -11.53 3.74 -31.51
C ASN A 248 -12.93 3.21 -31.78
N ASN A 249 -13.94 3.71 -31.08
CA ASN A 249 -15.34 3.32 -31.28
C ASN A 249 -15.50 1.81 -31.20
N MET A 250 -14.74 1.19 -30.30
CA MET A 250 -14.76 -0.26 -30.15
C MET A 250 -16.05 -0.71 -29.49
N GLU A 251 -16.52 -1.89 -29.90
CA GLU A 251 -17.65 -2.56 -29.24
C GLU A 251 -17.11 -3.40 -28.10
N ILE A 252 -17.68 -3.21 -26.91
CA ILE A 252 -17.13 -3.77 -25.68
C ILE A 252 -18.04 -4.80 -25.02
N GLY A 253 -19.21 -5.10 -25.60
CA GLY A 253 -20.08 -6.10 -25.01
C GLY A 253 -20.64 -5.66 -23.67
N THR A 254 -20.57 -6.54 -22.68
CA THR A 254 -21.04 -6.27 -21.32
C THR A 254 -19.92 -5.80 -20.40
N SER A 255 -18.84 -5.28 -20.95
CA SER A 255 -17.66 -4.92 -20.17
C SER A 255 -17.88 -3.62 -19.40
N LEU A 256 -16.99 -3.39 -18.43
CA LEU A 256 -17.04 -2.18 -17.62
C LEU A 256 -16.94 -0.93 -18.49
N PHE A 257 -17.83 0.03 -18.24
CA PHE A 257 -17.80 1.32 -18.92
C PHE A 257 -17.97 2.43 -17.91
N ASP A 258 -17.02 3.37 -17.89
CA ASP A 258 -17.05 4.53 -17.02
C ASP A 258 -17.61 5.70 -17.82
N GLU A 259 -18.90 6.00 -17.62
CA GLU A 259 -19.54 7.06 -18.40
C GLU A 259 -18.90 8.42 -18.13
N GLU A 260 -18.49 8.68 -16.89
CA GLU A 260 -17.83 9.94 -16.57
C GLU A 260 -16.43 9.99 -17.19
N GLY A 261 -15.61 8.96 -16.91
CA GLY A 261 -14.26 8.95 -17.44
C GLY A 261 -14.21 8.96 -18.95
N ALA A 262 -15.24 8.44 -19.61
CA ALA A 262 -15.29 8.52 -21.06
C ALA A 262 -15.20 9.96 -21.55
N LYS A 263 -15.60 10.92 -20.71
CA LYS A 263 -15.60 12.33 -21.10
C LYS A 263 -14.21 12.96 -21.01
N ILE A 264 -13.32 12.39 -20.19
CA ILE A 264 -11.99 12.96 -20.02
C ILE A 264 -10.90 12.15 -20.74
N VAL A 265 -11.28 11.09 -21.47
CA VAL A 265 -10.29 10.24 -22.15
C VAL A 265 -9.44 11.06 -23.11
N LYS A 266 -10.12 11.88 -23.94
CA LYS A 266 -9.42 12.68 -24.93
C LYS A 266 -8.60 13.78 -24.29
N ASP A 267 -9.02 14.31 -23.13
CA ASP A 267 -8.19 15.28 -22.44
C ASP A 267 -6.88 14.66 -21.94
N LEU A 268 -6.94 13.42 -21.45
CA LEU A 268 -5.72 12.75 -21.02
C LEU A 268 -4.82 12.41 -22.21
N MET A 269 -5.41 11.98 -23.33
CA MET A 269 -4.58 11.77 -24.52
C MET A 269 -3.98 13.08 -25.01
N SER A 270 -4.71 14.19 -24.88
CA SER A 270 -4.16 15.49 -25.28
C SER A 270 -2.98 15.89 -24.40
N LYS A 271 -3.08 15.65 -23.09
CA LYS A 271 -1.94 15.92 -22.20
C LYS A 271 -0.76 15.02 -22.53
N ALA A 272 -1.03 13.75 -22.84
CA ALA A 272 0.04 12.83 -23.19
C ALA A 272 0.75 13.27 -24.47
N GLU A 273 -0.02 13.74 -25.46
CA GLU A 273 0.60 14.23 -26.69
C GLU A 273 1.38 15.51 -26.45
N LYS A 274 0.86 16.40 -25.60
CA LYS A 274 1.55 17.64 -25.31
C LYS A 274 2.86 17.40 -24.57
N ASN A 275 2.91 16.39 -23.70
CA ASN A 275 4.09 16.12 -22.91
C ASN A 275 4.99 15.06 -23.53
N GLY A 276 4.61 14.48 -24.67
CA GLY A 276 5.42 13.48 -25.33
C GLY A 276 5.50 12.17 -24.57
N VAL A 277 4.35 11.63 -24.20
CA VAL A 277 4.26 10.34 -23.51
C VAL A 277 3.65 9.32 -24.46
N LYS A 278 4.31 8.17 -24.58
CA LYS A 278 3.83 7.08 -25.42
C LYS A 278 2.84 6.22 -24.63
N ILE A 279 1.62 6.12 -25.15
CA ILE A 279 0.52 5.42 -24.49
C ILE A 279 0.33 4.07 -25.15
N THR A 280 0.30 3.00 -24.35
CA THR A 280 0.12 1.64 -24.83
C THR A 280 -1.15 1.07 -24.23
N LEU A 281 -2.14 0.82 -25.07
CA LEU A 281 -3.41 0.20 -24.73
C LEU A 281 -3.44 -1.22 -25.28
N PRO A 282 -4.27 -2.10 -24.72
CA PRO A 282 -4.36 -3.47 -25.24
C PRO A 282 -5.00 -3.48 -26.63
N VAL A 283 -4.80 -4.61 -27.32
CA VAL A 283 -5.29 -4.76 -28.68
C VAL A 283 -6.08 -6.07 -28.86
N ASP A 284 -5.96 -6.98 -27.90
CA ASP A 284 -6.74 -8.21 -27.92
C ASP A 284 -7.13 -8.58 -26.50
N PHE A 285 -8.08 -9.51 -26.38
CA PHE A 285 -8.78 -9.71 -25.12
C PHE A 285 -9.26 -11.15 -24.98
N VAL A 286 -9.31 -11.60 -23.73
CA VAL A 286 -9.96 -12.85 -23.34
C VAL A 286 -11.33 -12.49 -22.76
N THR A 287 -12.38 -12.92 -23.42
CA THR A 287 -13.75 -12.57 -23.07
C THR A 287 -14.38 -13.66 -22.22
N ALA A 288 -15.42 -13.27 -21.46
CA ALA A 288 -16.17 -14.17 -20.60
C ALA A 288 -17.66 -13.94 -20.80
N ASP A 289 -18.44 -15.02 -20.67
CA ASP A 289 -19.89 -14.89 -20.87
C ASP A 289 -20.55 -14.19 -19.70
N LYS A 290 -19.96 -14.28 -18.51
CA LYS A 290 -20.48 -13.58 -17.34
C LYS A 290 -19.31 -13.28 -16.41
N PHE A 291 -19.51 -12.29 -15.55
CA PHE A 291 -18.51 -11.94 -14.56
C PHE A 291 -18.48 -12.99 -13.46
N ASP A 292 -18.00 -14.19 -13.80
CA ASP A 292 -17.90 -15.29 -12.86
C ASP A 292 -16.57 -16.01 -13.04
N GLU A 293 -16.13 -16.68 -11.97
CA GLU A 293 -14.86 -17.39 -12.01
C GLU A 293 -14.91 -18.56 -12.99
N ASN A 294 -16.01 -19.31 -13.00
CA ASN A 294 -16.13 -20.50 -13.84
C ASN A 294 -17.08 -20.28 -15.02
N ALA A 295 -16.90 -19.17 -15.72
CA ALA A 295 -17.70 -18.83 -16.89
C ALA A 295 -16.99 -19.26 -18.18
N LYS A 296 -17.78 -19.43 -19.23
CA LYS A 296 -17.21 -19.78 -20.52
C LYS A 296 -16.33 -18.64 -21.03
N THR A 297 -15.27 -19.00 -21.75
CA THR A 297 -14.25 -18.06 -22.18
C THR A 297 -14.27 -17.92 -23.70
N GLY A 298 -13.55 -16.90 -24.17
CA GLY A 298 -13.41 -16.65 -25.58
C GLY A 298 -12.32 -15.64 -25.85
N GLN A 299 -12.20 -15.22 -27.11
CA GLN A 299 -11.16 -14.28 -27.51
C GLN A 299 -11.72 -13.23 -28.46
N ALA A 300 -11.13 -12.05 -28.42
CA ALA A 300 -11.58 -10.92 -29.23
C ALA A 300 -10.41 -9.99 -29.51
N THR A 301 -10.60 -9.08 -30.47
CA THR A 301 -9.62 -8.07 -30.82
C THR A 301 -10.30 -6.71 -30.93
N VAL A 302 -9.49 -5.65 -30.96
CA VAL A 302 -10.04 -4.31 -31.18
C VAL A 302 -10.73 -4.22 -32.53
N ALA A 303 -10.20 -4.94 -33.53
CA ALA A 303 -10.82 -4.94 -34.85
C ALA A 303 -12.15 -5.69 -34.82
N SER A 304 -12.18 -6.85 -34.16
CA SER A 304 -13.40 -7.65 -34.13
C SER A 304 -14.45 -7.05 -33.21
N GLY A 305 -14.04 -6.44 -32.11
CA GLY A 305 -14.95 -6.03 -31.07
C GLY A 305 -15.39 -7.20 -30.22
N ILE A 306 -15.94 -6.87 -29.06
CA ILE A 306 -16.46 -7.89 -28.15
C ILE A 306 -17.94 -8.10 -28.47
N PRO A 307 -18.40 -9.34 -28.61
CA PRO A 307 -19.82 -9.58 -28.91
C PRO A 307 -20.70 -9.21 -27.73
N ALA A 308 -21.99 -9.08 -28.03
CA ALA A 308 -22.97 -8.79 -26.99
C ALA A 308 -23.12 -9.98 -26.05
N GLY A 309 -23.41 -9.68 -24.78
CA GLY A 309 -23.53 -10.70 -23.76
C GLY A 309 -22.23 -11.18 -23.16
N TRP A 310 -21.09 -10.74 -23.68
CA TRP A 310 -19.78 -11.14 -23.19
C TRP A 310 -19.01 -9.93 -22.73
N MET A 311 -17.94 -10.17 -21.97
CA MET A 311 -17.16 -9.07 -21.40
C MET A 311 -15.69 -9.44 -21.40
N GLY A 312 -14.83 -8.43 -21.56
CA GLY A 312 -13.40 -8.63 -21.54
C GLY A 312 -12.80 -8.56 -20.14
N LEU A 313 -12.14 -9.64 -19.72
CA LEU A 313 -11.62 -9.75 -18.36
C LEU A 313 -10.11 -9.91 -18.31
N ASP A 314 -9.42 -9.76 -19.44
CA ASP A 314 -7.96 -9.92 -19.50
C ASP A 314 -7.51 -9.62 -20.92
N CYS A 315 -6.22 -9.30 -21.06
CA CYS A 315 -5.66 -9.06 -22.38
C CYS A 315 -5.12 -10.36 -22.99
N GLY A 316 -4.91 -10.33 -24.30
CA GLY A 316 -4.47 -11.49 -25.04
C GLY A 316 -2.99 -11.47 -25.36
N PRO A 317 -2.53 -12.44 -26.15
CA PRO A 317 -1.08 -12.58 -26.39
C PRO A 317 -0.45 -11.39 -27.10
N GLU A 318 -1.15 -10.79 -28.06
CA GLU A 318 -0.61 -9.62 -28.75
C GLU A 318 -0.45 -8.44 -27.81
N SER A 319 -1.43 -8.23 -26.93
CA SER A 319 -1.30 -7.20 -25.90
C SER A 319 -0.11 -7.47 -25.00
N SER A 320 0.14 -8.74 -24.69
CA SER A 320 1.33 -9.07 -23.92
C SER A 320 2.60 -8.72 -24.67
N LYS A 321 2.62 -8.95 -25.99
CA LYS A 321 3.77 -8.57 -26.79
C LYS A 321 4.01 -7.06 -26.75
N LYS A 322 2.93 -6.27 -26.84
CA LYS A 322 3.09 -4.82 -26.79
C LYS A 322 3.56 -4.36 -25.42
N TYR A 323 2.99 -4.94 -24.34
CA TYR A 323 3.43 -4.60 -23.00
C TYR A 323 4.91 -4.95 -22.80
N ALA A 324 5.33 -6.10 -23.33
CA ALA A 324 6.72 -6.51 -23.21
C ALA A 324 7.65 -5.61 -24.01
N GLU A 325 7.18 -5.10 -25.16
CA GLU A 325 7.93 -4.07 -25.87
C GLU A 325 8.15 -2.86 -24.97
N ALA A 326 7.07 -2.39 -24.32
CA ALA A 326 7.19 -1.23 -23.43
C ALA A 326 8.14 -1.51 -22.27
N VAL A 327 8.01 -2.67 -21.64
CA VAL A 327 8.84 -3.01 -20.48
C VAL A 327 10.30 -3.17 -20.89
N THR A 328 10.55 -3.64 -22.11
CA THR A 328 11.92 -3.84 -22.59
C THR A 328 12.66 -2.51 -22.74
N ARG A 329 11.95 -1.43 -23.05
CA ARG A 329 12.56 -0.12 -23.24
C ARG A 329 12.79 0.64 -21.93
N ALA A 330 12.37 0.11 -20.79
CA ALA A 330 12.30 0.89 -19.56
C ALA A 330 13.54 0.70 -18.69
N LYS A 331 14.00 1.81 -18.08
CA LYS A 331 15.01 1.79 -17.03
C LYS A 331 14.44 2.03 -15.64
N GLN A 332 13.20 2.48 -15.54
CA GLN A 332 12.49 2.55 -14.27
C GLN A 332 11.02 2.28 -14.54
N ILE A 333 10.40 1.48 -13.66
CA ILE A 333 9.03 1.04 -13.84
C ILE A 333 8.29 1.17 -12.51
N VAL A 334 7.08 1.71 -12.56
CA VAL A 334 6.15 1.70 -11.43
C VAL A 334 4.85 1.05 -11.91
N TRP A 335 4.43 -0.01 -11.22
CA TRP A 335 3.28 -0.79 -11.61
C TRP A 335 2.26 -0.77 -10.48
N ASN A 336 1.08 -0.22 -10.75
CA ASN A 336 0.00 -0.14 -9.77
C ASN A 336 -1.30 -0.61 -10.42
N GLY A 337 -1.78 -1.79 -10.03
CA GLY A 337 -3.04 -2.30 -10.51
C GLY A 337 -2.87 -3.25 -11.67
N PRO A 338 -3.37 -4.48 -11.52
CA PRO A 338 -3.18 -5.50 -12.57
C PRO A 338 -3.96 -5.18 -13.83
N VAL A 339 -3.62 -5.91 -14.90
CA VAL A 339 -4.21 -5.70 -16.21
C VAL A 339 -5.32 -6.71 -16.50
N GLY A 340 -5.73 -7.50 -15.51
CA GLY A 340 -6.79 -8.47 -15.68
C GLY A 340 -7.28 -8.96 -14.33
N VAL A 341 -8.31 -9.80 -14.37
CA VAL A 341 -8.92 -10.32 -13.15
C VAL A 341 -8.07 -11.47 -12.64
N PHE A 342 -7.00 -11.15 -11.89
CA PHE A 342 -5.99 -12.14 -11.55
C PHE A 342 -6.45 -13.14 -10.49
N GLU A 343 -7.52 -12.83 -9.75
CA GLU A 343 -8.02 -13.77 -8.75
C GLU A 343 -8.49 -15.07 -9.39
N TRP A 344 -8.89 -15.02 -10.65
CA TRP A 344 -9.46 -16.16 -11.35
C TRP A 344 -8.47 -16.65 -12.40
N GLU A 345 -8.12 -17.94 -12.33
CA GLU A 345 -7.03 -18.48 -13.12
C GLU A 345 -7.27 -18.35 -14.62
N ALA A 346 -8.53 -18.31 -15.04
CA ALA A 346 -8.80 -18.22 -16.47
C ALA A 346 -8.44 -16.85 -17.03
N PHE A 347 -8.31 -15.82 -16.19
CA PHE A 347 -8.07 -14.45 -16.65
C PHE A 347 -6.85 -13.83 -15.96
N ALA A 348 -5.85 -14.66 -15.63
CA ALA A 348 -4.63 -14.16 -14.99
C ALA A 348 -3.42 -14.23 -15.91
N ARG A 349 -3.59 -14.60 -17.17
CA ARG A 349 -2.44 -14.85 -18.03
C ARG A 349 -1.69 -13.56 -18.34
N GLY A 350 -2.41 -12.48 -18.65
CA GLY A 350 -1.75 -11.23 -18.96
C GLY A 350 -0.97 -10.67 -17.79
N THR A 351 -1.57 -10.68 -16.59
CA THR A 351 -0.88 -10.18 -15.41
C THR A 351 0.37 -11.01 -15.11
N LYS A 352 0.27 -12.33 -15.26
CA LYS A 352 1.42 -13.20 -15.01
C LYS A 352 2.53 -12.96 -16.02
N ALA A 353 2.17 -12.78 -17.29
CA ALA A 353 3.18 -12.53 -18.31
C ALA A 353 3.86 -11.18 -18.09
N LEU A 354 3.07 -10.16 -17.73
CA LEU A 354 3.67 -8.86 -17.42
C LEU A 354 4.59 -8.95 -16.21
N MET A 355 4.21 -9.77 -15.21
CA MET A 355 5.07 -9.96 -14.05
C MET A 355 6.38 -10.62 -14.43
N ASP A 356 6.33 -11.65 -15.28
CA ASP A 356 7.56 -12.28 -15.74
C ASP A 356 8.45 -11.29 -16.49
N GLU A 357 7.85 -10.47 -17.37
CA GLU A 357 8.63 -9.46 -18.08
C GLU A 357 9.28 -8.47 -17.12
N VAL A 358 8.56 -8.07 -16.08
CA VAL A 358 9.11 -7.15 -15.08
C VAL A 358 10.24 -7.82 -14.30
N VAL A 359 10.10 -9.12 -14.02
CA VAL A 359 11.16 -9.84 -13.33
C VAL A 359 12.44 -9.84 -14.16
N LYS A 360 12.30 -10.12 -15.45
CA LYS A 360 13.49 -10.11 -16.32
C LYS A 360 14.09 -8.70 -16.42
N ALA A 361 13.24 -7.68 -16.56
CA ALA A 361 13.72 -6.30 -16.58
C ALA A 361 14.55 -6.01 -15.33
N THR A 362 14.03 -6.39 -14.16
CA THR A 362 14.79 -6.28 -12.92
C THR A 362 16.12 -7.01 -13.04
N SER A 363 16.10 -8.20 -13.63
CA SER A 363 17.32 -9.00 -13.71
C SER A 363 18.41 -8.28 -14.50
N ARG A 364 18.03 -7.53 -15.54
CA ARG A 364 19.03 -6.82 -16.33
C ARG A 364 19.25 -5.37 -15.88
N GLY A 365 18.76 -4.99 -14.70
CA GLY A 365 19.12 -3.72 -14.09
C GLY A 365 18.02 -2.67 -13.96
N CYS A 366 16.78 -3.00 -14.29
CA CYS A 366 15.71 -2.02 -14.17
C CYS A 366 15.33 -1.81 -12.70
N ILE A 367 14.87 -0.60 -12.40
CA ILE A 367 14.28 -0.30 -11.09
C ILE A 367 12.78 -0.53 -11.19
N THR A 368 12.28 -1.53 -10.47
CA THR A 368 10.89 -1.97 -10.58
C THR A 368 10.22 -1.81 -9.22
N ILE A 369 9.30 -0.86 -9.12
CA ILE A 369 8.55 -0.61 -7.90
C ILE A 369 7.13 -1.13 -8.10
N ILE A 370 6.68 -2.00 -7.19
CA ILE A 370 5.35 -2.60 -7.26
C ILE A 370 4.48 -1.93 -6.22
N GLY A 371 3.33 -1.43 -6.66
CA GLY A 371 2.44 -0.72 -5.76
C GLY A 371 1.70 -1.64 -4.81
N GLY A 372 1.23 -1.05 -3.73
CA GLY A 372 0.40 -1.78 -2.79
C GLY A 372 -0.96 -2.10 -3.39
N GLY A 373 -1.66 -2.99 -2.70
CA GLY A 373 -2.96 -3.44 -3.18
C GLY A 373 -2.87 -4.78 -3.89
N ASP A 374 -3.48 -4.86 -5.07
CA ASP A 374 -3.59 -6.14 -5.78
C ASP A 374 -2.29 -6.54 -6.47
N THR A 375 -1.43 -5.58 -6.84
CA THR A 375 -0.19 -5.95 -7.54
C THR A 375 0.84 -6.52 -6.56
N ALA A 376 0.87 -6.00 -5.34
CA ALA A 376 1.65 -6.66 -4.30
C ALA A 376 1.10 -8.04 -3.97
N THR A 377 -0.24 -8.17 -4.00
CA THR A 377 -0.86 -9.48 -3.83
C THR A 377 -0.43 -10.44 -4.92
N CYS A 378 -0.26 -9.93 -6.14
CA CYS A 378 0.26 -10.75 -7.24
C CYS A 378 1.71 -11.15 -6.99
N CYS A 379 2.53 -10.21 -6.54
CA CYS A 379 3.92 -10.54 -6.19
C CYS A 379 3.99 -11.63 -5.15
N ALA A 380 3.05 -11.63 -4.20
CA ALA A 380 3.02 -12.67 -3.18
C ALA A 380 2.44 -13.98 -3.69
N LYS A 381 1.45 -13.91 -4.59
CA LYS A 381 0.77 -15.11 -5.05
C LYS A 381 1.61 -15.92 -6.02
N TRP A 382 2.60 -15.30 -6.67
CA TRP A 382 3.49 -16.01 -7.59
C TRP A 382 4.93 -15.94 -7.11
N ASN A 383 5.13 -15.58 -5.83
CA ASN A 383 6.41 -15.66 -5.15
C ASN A 383 7.51 -14.97 -5.96
N THR A 384 7.36 -13.65 -6.11
CA THR A 384 8.35 -12.85 -6.82
C THR A 384 8.71 -11.58 -6.06
N GLU A 385 8.45 -11.52 -4.75
CA GLU A 385 8.83 -10.34 -3.97
C GLU A 385 10.34 -10.16 -3.89
N ASP A 386 11.12 -11.23 -4.08
CA ASP A 386 12.57 -11.16 -4.07
C ASP A 386 13.16 -11.00 -5.46
N LYS A 387 12.32 -10.82 -6.47
CA LYS A 387 12.79 -10.68 -7.85
C LYS A 387 12.41 -9.32 -8.43
N VAL A 388 12.06 -8.36 -7.57
CA VAL A 388 11.78 -6.99 -7.97
C VAL A 388 12.49 -6.06 -6.99
N SER A 389 12.66 -4.81 -7.41
CA SER A 389 13.37 -3.85 -6.57
C SER A 389 12.62 -3.59 -5.28
N HIS A 390 11.33 -3.28 -5.37
CA HIS A 390 10.59 -2.82 -4.21
C HIS A 390 9.13 -3.24 -4.35
N VAL A 391 8.54 -3.67 -3.24
CA VAL A 391 7.11 -3.94 -3.13
C VAL A 391 6.58 -3.12 -1.97
N SER A 392 5.75 -2.13 -2.28
CA SER A 392 5.21 -1.24 -1.25
C SER A 392 4.32 -2.01 -0.28
N THR A 393 4.29 -1.54 0.96
CA THR A 393 3.51 -2.16 2.02
C THR A 393 2.10 -1.59 2.14
N GLY A 394 1.77 -0.56 1.35
CA GLY A 394 0.46 0.05 1.46
C GLY A 394 -0.15 0.45 0.12
N GLY A 395 -1.43 0.14 -0.07
CA GLY A 395 -2.09 0.43 -1.33
C GLY A 395 -2.57 1.86 -1.44
N GLY A 396 -3.47 2.26 -0.53
CA GLY A 396 -3.97 3.62 -0.56
C GLY A 396 -2.89 4.66 -0.40
N ALA A 397 -1.94 4.39 0.50
CA ALA A 397 -0.86 5.36 0.74
C ALA A 397 0.02 5.52 -0.49
N SER A 398 0.41 4.41 -1.12
CA SER A 398 1.25 4.49 -2.31
C SER A 398 0.49 5.15 -3.46
N LEU A 399 -0.80 4.85 -3.59
CA LEU A 399 -1.60 5.53 -4.61
C LEU A 399 -1.63 7.04 -4.39
N GLU A 400 -1.79 7.46 -3.13
CA GLU A 400 -1.83 8.89 -2.83
C GLU A 400 -0.46 9.55 -3.03
N LEU A 401 0.63 8.82 -2.77
CA LEU A 401 1.94 9.32 -3.16
C LEU A 401 2.05 9.51 -4.66
N LEU A 402 1.56 8.54 -5.42
CA LEU A 402 1.64 8.64 -6.88
C LEU A 402 0.74 9.76 -7.40
N GLU A 403 -0.46 9.91 -6.83
CA GLU A 403 -1.34 11.01 -7.21
C GLU A 403 -0.73 12.38 -6.94
N GLY A 404 0.43 12.45 -6.27
CA GLY A 404 1.10 13.70 -6.02
C GLY A 404 0.78 14.36 -4.71
N LYS A 405 0.14 13.65 -3.78
CA LYS A 405 -0.32 14.22 -2.53
C LYS A 405 0.75 14.09 -1.44
N VAL A 406 0.61 14.91 -0.41
CA VAL A 406 1.48 14.88 0.76
C VAL A 406 0.82 14.01 1.83
N LEU A 407 1.62 13.16 2.47
CA LEU A 407 1.09 12.21 3.44
C LEU A 407 1.14 12.81 4.84
N PRO A 408 0.00 12.92 5.54
CA PRO A 408 0.03 13.50 6.89
C PRO A 408 1.02 12.80 7.82
N GLY A 409 1.08 11.47 7.79
CA GLY A 409 2.01 10.76 8.66
C GLY A 409 3.45 10.99 8.27
N VAL A 410 3.75 10.95 6.98
CA VAL A 410 5.10 11.23 6.51
C VAL A 410 5.49 12.67 6.84
N ASP A 411 4.61 13.63 6.53
CA ASP A 411 4.89 15.03 6.78
C ASP A 411 5.22 15.30 8.25
N ALA A 412 4.59 14.55 9.15
CA ALA A 412 4.76 14.73 10.58
C ALA A 412 6.07 14.16 11.12
N LEU A 413 6.93 13.62 10.27
CA LEU A 413 8.24 13.21 10.72
C LEU A 413 9.16 14.42 10.88
N SER A 414 10.22 14.23 11.67
CA SER A 414 11.23 15.27 11.85
C SER A 414 12.12 15.35 10.62
N ASN A 415 12.39 16.58 10.17
CA ASN A 415 13.34 16.78 9.09
C ASN A 415 14.77 16.61 9.60
N ILE A 416 15.71 16.55 8.66
CA ILE A 416 17.13 16.35 8.95
C ILE A 416 17.35 15.09 9.78
#